data_3PKW
#
_entry.id   3PKW
#
_cell.length_a   110.856
_cell.length_b   110.856
_cell.length_c   55.734
_cell.angle_alpha   90.000
_cell.angle_beta   90.000
_cell.angle_gamma   120.000
#
_symmetry.space_group_name_H-M   'H 3'
#
loop_
_entity.id
_entity.type
_entity.pdbx_description
1 polymer 'Toxoflavin lyase (TflA)'
2 non-polymer 'MANGANESE (II) ION'
3 water water
#
_entity_poly.entity_id   1
_entity_poly.type   'polypeptide(L)'
_entity_poly.pdbx_seq_one_letter_code
;MGSDKIHHHHHHSSGENLYFQGHMTSIKQLTLYTAELDRMLAFYTNMLGAQHVHEQADAFTIQLGVSQIQFRAAADGTKP
FYHIAINIAANHFQEGKAWLSGFGELLTENDEDQAYFPFFNAYSCYVEDPSGNIIELISRQQAAPVLDKPFSADQLLSIG
EINITTSDVEQAATRLKQAELPVKLDQIEPAGLNFIGDQDLFLLLGPPGRRWLFSERVAVIYPLQMELDNGVSLAITETG
ELVILEHHHHHH
;
_entity_poly.pdbx_strand_id   A
#
# COMPACT_ATOMS: atom_id res chain seq x y z
N SER A 26 1.55 0.54 -13.09
CA SER A 26 2.08 0.93 -11.79
C SER A 26 1.36 2.15 -11.22
N ILE A 27 1.45 2.32 -9.91
CA ILE A 27 0.97 3.54 -9.27
C ILE A 27 2.04 4.60 -9.39
N LYS A 28 1.71 5.69 -10.08
CA LYS A 28 2.63 6.82 -10.20
C LYS A 28 2.56 7.70 -8.95
N GLN A 29 1.33 8.00 -8.52
CA GLN A 29 1.10 8.89 -7.38
C GLN A 29 -0.04 8.38 -6.52
N LEU A 30 0.24 8.23 -5.23
CA LEU A 30 -0.78 7.82 -4.28
C LEU A 30 -0.83 8.89 -3.17
N THR A 31 -2.02 9.44 -2.92
CA THR A 31 -2.20 10.46 -1.90
C THR A 31 -3.00 9.91 -0.71
N LEU A 32 -2.40 9.97 0.48
CA LEU A 32 -2.99 9.41 1.69
C LEU A 32 -3.02 10.47 2.79
N TYR A 33 -3.87 10.27 3.79
CA TYR A 33 -3.95 11.20 4.92
C TYR A 33 -3.40 10.60 6.19
N THR A 34 -2.90 11.47 7.06
CA THR A 34 -2.29 11.03 8.31
C THR A 34 -2.49 12.07 9.41
N ALA A 35 -2.85 11.58 10.59
CA ALA A 35 -3.03 12.46 11.75
C ALA A 35 -1.70 12.68 12.50
N GLU A 36 -0.62 12.08 11.98
CA GLU A 36 0.70 12.11 12.62
C GLU A 36 1.79 12.59 11.67
N LEU A 37 1.53 13.71 11.00
CA LEU A 37 2.45 14.19 9.97
C LEU A 37 3.91 14.32 10.43
N ASP A 38 4.15 14.94 11.59
CA ASP A 38 5.54 15.15 12.02
C ASP A 38 6.28 13.84 12.33
N ARG A 39 5.64 12.95 13.08
CA ARG A 39 6.23 11.65 13.37
C ARG A 39 6.45 10.81 12.10
N MET A 40 5.51 10.92 11.16
CA MET A 40 5.62 10.20 9.89
C MET A 40 6.75 10.74 9.06
N LEU A 41 6.87 12.07 9.04
CA LEU A 41 7.97 12.69 8.33
C LEU A 41 9.29 12.17 8.88
N ALA A 42 9.41 12.14 10.21
CA ALA A 42 10.64 11.70 10.87
C ALA A 42 10.92 10.24 10.57
N PHE A 43 9.89 9.41 10.72
CA PHE A 43 9.97 7.97 10.46
C PHE A 43 10.46 7.65 9.05
N TYR A 44 9.82 8.25 8.05
CA TYR A 44 10.17 7.94 6.66
C TYR A 44 11.50 8.55 6.21
N THR A 45 11.83 9.72 6.75
CA THR A 45 13.14 10.30 6.49
C THR A 45 14.21 9.36 7.03
N ASN A 46 13.99 8.80 8.22
CA ASN A 46 14.94 7.87 8.83
C ASN A 46 15.02 6.54 8.09
N MET A 47 13.87 6.06 7.63
CA MET A 47 13.81 4.81 6.88
C MET A 47 14.37 4.90 5.46
N LEU A 48 14.02 5.95 4.73
CA LEU A 48 14.33 6.01 3.30
C LEU A 48 15.48 6.95 2.96
N GLY A 49 15.81 7.85 3.87
CA GLY A 49 16.84 8.85 3.60
C GLY A 49 16.26 10.13 3.05
N ALA A 50 16.93 11.25 3.31
CA ALA A 50 16.41 12.57 2.95
C ALA A 50 16.22 12.72 1.44
N GLN A 51 16.95 11.92 0.68
CA GLN A 51 16.91 12.03 -0.78
C GLN A 51 15.59 11.51 -1.33
N HIS A 52 14.89 10.71 -0.53
CA HIS A 52 13.66 10.06 -0.98
C HIS A 52 12.41 10.75 -0.44
N VAL A 53 12.61 11.72 0.45
CA VAL A 53 11.50 12.36 1.15
C VAL A 53 11.52 13.86 0.89
N HIS A 54 10.36 14.44 0.59
CA HIS A 54 10.28 15.90 0.43
C HIS A 54 9.18 16.52 1.29
N GLU A 55 9.57 17.38 2.21
CA GLU A 55 8.62 18.00 3.11
C GLU A 55 7.93 19.22 2.49
N GLN A 56 6.62 19.34 2.72
N GLN A 56 6.65 19.35 2.81
CA GLN A 56 5.90 20.56 2.43
CA GLN A 56 5.78 20.43 2.38
C GLN A 56 5.29 21.07 3.72
C GLN A 56 5.03 20.91 3.63
N ALA A 57 4.51 22.13 3.62
CA ALA A 57 3.92 22.73 4.83
C ALA A 57 2.96 21.79 5.58
N ASP A 58 2.06 21.16 4.84
CA ASP A 58 1.07 20.29 5.47
C ASP A 58 1.00 18.95 4.76
N ALA A 59 2.15 18.48 4.29
CA ALA A 59 2.26 17.23 3.56
C ALA A 59 3.73 16.89 3.34
N PHE A 60 4.00 15.64 2.98
CA PHE A 60 5.32 15.27 2.47
C PHE A 60 5.17 14.12 1.48
N THR A 61 6.19 13.91 0.66
CA THR A 61 6.17 12.81 -0.28
C THR A 61 7.35 11.88 -0.04
N ILE A 62 7.15 10.59 -0.31
CA ILE A 62 8.21 9.61 -0.30
C ILE A 62 8.29 8.95 -1.67
N GLN A 63 9.49 8.64 -2.12
CA GLN A 63 9.65 7.97 -3.40
C GLN A 63 9.92 6.50 -3.14
N LEU A 64 9.08 5.64 -3.69
CA LEU A 64 9.31 4.20 -3.62
C LEU A 64 9.53 3.69 -5.05
N GLY A 65 10.77 3.74 -5.50
CA GLY A 65 11.07 3.33 -6.86
C GLY A 65 10.26 4.16 -7.84
N VAL A 66 9.40 3.50 -8.61
CA VAL A 66 8.63 4.19 -9.61
C VAL A 66 7.36 4.82 -9.04
N SER A 67 7.16 4.65 -7.74
CA SER A 67 5.93 5.11 -7.13
C SER A 67 6.20 6.20 -6.10
N GLN A 68 5.33 7.18 -6.02
CA GLN A 68 5.42 8.21 -5.00
C GLN A 68 4.14 8.20 -4.14
N ILE A 69 4.31 8.34 -2.83
CA ILE A 69 3.17 8.52 -1.95
C ILE A 69 3.23 9.91 -1.32
N GLN A 70 2.16 10.68 -1.46
CA GLN A 70 2.08 11.93 -0.71
C GLN A 70 1.22 11.73 0.52
N PHE A 71 1.80 11.97 1.71
CA PHE A 71 1.01 11.98 2.94
C PHE A 71 0.57 13.40 3.27
N ARG A 72 -0.73 13.58 3.50
CA ARG A 72 -1.26 14.90 3.82
C ARG A 72 -1.84 14.89 5.21
N ALA A 73 -1.83 16.05 5.87
CA ALA A 73 -2.47 16.19 7.17
C ALA A 73 -3.93 15.74 7.08
N ALA A 74 -4.33 14.92 8.05
CA ALA A 74 -5.71 14.46 8.15
C ALA A 74 -6.57 15.52 8.84
N ALA A 75 -7.86 15.44 8.60
CA ALA A 75 -8.84 16.23 9.36
C ALA A 75 -8.73 15.92 10.85
N ASP A 76 -8.87 16.95 11.68
CA ASP A 76 -8.97 16.75 13.12
C ASP A 76 -10.05 15.72 13.46
N GLY A 77 -9.76 14.90 14.46
CA GLY A 77 -10.75 13.96 14.95
C GLY A 77 -10.82 12.71 14.09
N THR A 78 -9.89 12.59 13.15
CA THR A 78 -9.75 11.35 12.36
C THR A 78 -8.33 10.84 12.47
N LYS A 79 -8.17 9.53 12.28
CA LYS A 79 -6.84 8.92 12.36
C LYS A 79 -6.70 7.91 11.24
N PRO A 80 -6.59 8.42 10.01
CA PRO A 80 -6.56 7.55 8.83
C PRO A 80 -5.36 6.59 8.86
N PHE A 81 -5.58 5.41 8.30
CA PHE A 81 -4.51 4.46 8.05
C PHE A 81 -4.96 3.59 6.90
N TYR A 82 -4.01 2.86 6.32
CA TYR A 82 -4.20 2.11 5.08
C TYR A 82 -3.29 0.90 5.11
N HIS A 83 -3.50 -0.01 4.17
CA HIS A 83 -2.59 -1.14 3.99
C HIS A 83 -1.82 -0.96 2.68
N ILE A 84 -0.51 -0.82 2.80
CA ILE A 84 0.35 -0.55 1.66
C ILE A 84 1.41 -1.62 1.57
N ALA A 85 1.48 -2.30 0.44
CA ALA A 85 2.57 -3.25 0.21
C ALA A 85 3.51 -2.66 -0.82
N ILE A 86 4.80 -2.88 -0.61
CA ILE A 86 5.85 -2.37 -1.49
C ILE A 86 6.59 -3.53 -2.11
N ASN A 87 6.65 -3.55 -3.44
CA ASN A 87 7.38 -4.59 -4.15
C ASN A 87 8.89 -4.55 -3.88
N ILE A 88 9.48 -5.72 -3.60
CA ILE A 88 10.94 -5.82 -3.54
C ILE A 88 11.35 -7.00 -4.41
N ALA A 89 12.65 -7.12 -4.66
CA ALA A 89 13.13 -8.14 -5.59
C ALA A 89 12.83 -9.57 -5.12
N ALA A 90 12.61 -10.45 -6.10
CA ALA A 90 12.40 -11.87 -5.84
C ALA A 90 13.44 -12.49 -4.89
N ASN A 91 14.70 -12.08 -5.05
CA ASN A 91 15.76 -12.73 -4.29
C ASN A 91 16.15 -12.00 -3.03
N HIS A 92 15.43 -10.94 -2.67
CA HIS A 92 15.86 -10.17 -1.50
C HIS A 92 14.88 -10.13 -0.36
N PHE A 93 14.05 -11.15 -0.21
CA PHE A 93 13.06 -11.11 0.86
C PHE A 93 13.72 -11.12 2.24
N GLN A 94 14.70 -12.00 2.46
CA GLN A 94 15.30 -12.01 3.80
C GLN A 94 16.06 -10.71 4.14
N GLU A 95 16.73 -10.10 3.17
CA GLU A 95 17.39 -8.81 3.41
C GLU A 95 16.36 -7.71 3.69
N GLY A 96 15.28 -7.73 2.92
CA GLY A 96 14.21 -6.76 3.09
C GLY A 96 13.58 -6.91 4.46
N LYS A 97 13.40 -8.16 4.89
CA LYS A 97 12.82 -8.46 6.20
C LYS A 97 13.71 -7.95 7.35
N ALA A 98 15.01 -8.25 7.25
CA ALA A 98 15.98 -7.70 8.20
C ALA A 98 15.97 -6.17 8.21
N TRP A 99 15.94 -5.57 7.03
CA TRP A 99 15.99 -4.12 6.92
C TRP A 99 14.75 -3.52 7.60
N LEU A 100 13.58 -4.11 7.32
CA LEU A 100 12.32 -3.58 7.84
C LEU A 100 12.30 -3.62 9.36
N SER A 101 12.79 -4.72 9.93
CA SER A 101 12.79 -4.91 11.37
C SER A 101 13.64 -3.87 12.11
N GLY A 102 14.46 -3.13 11.36
CA GLY A 102 15.24 -2.06 11.94
C GLY A 102 14.40 -0.85 12.31
N PHE A 103 13.20 -0.78 11.76
CA PHE A 103 12.38 0.42 11.95
C PHE A 103 11.17 0.18 12.84
N GLY A 104 10.96 -1.06 13.24
CA GLY A 104 9.87 -1.38 14.14
C GLY A 104 9.80 -2.87 14.31
N GLU A 105 9.08 -3.30 15.34
CA GLU A 105 8.87 -4.72 15.59
C GLU A 105 8.10 -5.29 14.41
N LEU A 106 8.61 -6.37 13.82
CA LEU A 106 7.87 -7.05 12.76
C LEU A 106 6.50 -7.50 13.28
N LEU A 107 5.46 -7.26 12.49
CA LEU A 107 4.13 -7.75 12.83
C LEU A 107 4.09 -9.26 12.67
N THR A 108 3.24 -9.91 13.46
CA THR A 108 3.08 -11.35 13.35
C THR A 108 1.62 -11.70 13.16
N GLU A 109 1.40 -12.83 12.52
CA GLU A 109 0.08 -13.42 12.41
C GLU A 109 0.22 -14.92 12.67
N ASN A 110 -0.53 -15.43 13.63
CA ASN A 110 -0.41 -16.83 14.01
C ASN A 110 1.00 -17.16 14.49
N ASP A 111 1.62 -16.22 15.19
CA ASP A 111 2.98 -16.39 15.73
C ASP A 111 4.07 -16.40 14.66
N GLU A 112 3.70 -16.15 13.41
CA GLU A 112 4.66 -16.11 12.31
C GLU A 112 5.02 -14.67 11.92
N ASP A 113 6.30 -14.36 11.77
CA ASP A 113 6.71 -12.99 11.43
C ASP A 113 6.95 -12.77 9.93
N GLN A 114 6.45 -13.68 9.12
CA GLN A 114 6.42 -13.51 7.68
C GLN A 114 5.30 -14.36 7.15
N ALA A 115 4.89 -14.11 5.91
CA ALA A 115 3.82 -14.88 5.29
C ALA A 115 4.25 -15.35 3.93
N TYR A 116 3.74 -16.52 3.53
CA TYR A 116 3.82 -16.92 2.15
C TYR A 116 2.44 -17.00 1.54
N PHE A 117 2.28 -16.35 0.38
CA PHE A 117 0.99 -16.32 -0.29
C PHE A 117 1.04 -17.08 -1.62
N PRO A 118 0.47 -18.30 -1.64
CA PRO A 118 0.51 -19.14 -2.85
C PRO A 118 -0.12 -18.46 -4.05
N PHE A 119 -1.20 -17.71 -3.87
CA PHE A 119 -1.86 -17.11 -5.04
C PHE A 119 -0.95 -16.10 -5.73
N PHE A 120 -0.17 -15.38 -4.94
CA PHE A 120 0.78 -14.42 -5.49
C PHE A 120 2.18 -15.03 -5.62
N ASN A 121 2.33 -16.27 -5.13
CA ASN A 121 3.65 -16.87 -5.02
C ASN A 121 4.64 -15.80 -4.52
N ALA A 122 4.36 -15.28 -3.33
CA ALA A 122 5.13 -14.17 -2.80
C ALA A 122 5.35 -14.35 -1.31
N TYR A 123 6.50 -13.87 -0.83
CA TYR A 123 6.76 -13.75 0.61
C TYR A 123 6.55 -12.32 1.10
N SER A 124 5.96 -12.19 2.28
CA SER A 124 5.65 -10.86 2.84
C SER A 124 6.07 -10.75 4.30
N CYS A 125 6.51 -9.54 4.68
CA CYS A 125 6.77 -9.18 6.06
C CYS A 125 6.18 -7.79 6.30
N TYR A 126 6.02 -7.42 7.57
CA TYR A 126 5.18 -6.29 7.92
C TYR A 126 5.67 -5.46 9.08
N VAL A 127 5.37 -4.17 9.05
CA VAL A 127 5.59 -3.33 10.21
C VAL A 127 4.52 -2.23 10.22
N GLU A 128 4.22 -1.67 11.39
CA GLU A 128 3.35 -0.50 11.48
C GLU A 128 4.16 0.79 11.47
N ASP A 129 3.69 1.81 10.77
CA ASP A 129 4.36 3.10 10.86
C ASP A 129 3.65 3.93 11.94
N PRO A 130 4.11 5.17 12.19
CA PRO A 130 3.52 5.96 13.29
C PRO A 130 2.01 6.24 13.20
N SER A 131 1.41 6.11 12.01
CA SER A 131 -0.03 6.31 11.85
C SER A 131 -0.81 5.00 11.97
N GLY A 132 -0.08 3.91 12.14
CA GLY A 132 -0.73 2.61 12.18
C GLY A 132 -0.96 2.04 10.78
N ASN A 133 -0.35 2.64 9.76
CA ASN A 133 -0.41 2.02 8.43
C ASN A 133 0.27 0.65 8.47
N ILE A 134 -0.31 -0.30 7.74
CA ILE A 134 0.22 -1.66 7.68
C ILE A 134 1.13 -1.69 6.47
N ILE A 135 2.43 -1.63 6.75
CA ILE A 135 3.43 -1.50 5.69
C ILE A 135 4.02 -2.86 5.46
N GLU A 136 3.77 -3.38 4.26
CA GLU A 136 4.22 -4.72 3.90
C GLU A 136 5.34 -4.62 2.87
N LEU A 137 6.32 -5.50 2.98
CA LEU A 137 7.25 -5.71 1.88
C LEU A 137 6.87 -7.03 1.26
N ILE A 138 6.62 -7.02 -0.05
CA ILE A 138 6.19 -8.22 -0.75
C ILE A 138 7.21 -8.57 -1.83
N SER A 139 7.74 -9.79 -1.72
CA SER A 139 8.74 -10.30 -2.66
C SER A 139 8.07 -11.37 -3.55
N ARG A 140 7.69 -10.97 -4.76
CA ARG A 140 7.01 -11.89 -5.67
C ARG A 140 8.04 -12.76 -6.36
N GLN A 141 7.93 -14.07 -6.13
CA GLN A 141 9.03 -14.99 -6.47
C GLN A 141 9.27 -15.15 -7.96
N GLN A 142 8.24 -14.99 -8.76
CA GLN A 142 8.39 -15.06 -10.21
C GLN A 142 7.93 -13.78 -10.90
N ALA A 143 7.24 -12.91 -10.17
CA ALA A 143 6.74 -11.66 -10.74
C ALA A 143 7.53 -10.43 -10.29
N ALA A 144 8.77 -10.64 -9.85
CA ALA A 144 9.70 -9.55 -9.51
C ALA A 144 11.10 -9.89 -10.04
N PRO A 145 11.94 -8.85 -10.24
CA PRO A 145 13.27 -9.13 -10.78
C PRO A 145 14.16 -9.80 -9.76
N VAL A 146 15.15 -10.54 -10.24
CA VAL A 146 16.26 -10.99 -9.40
C VAL A 146 17.36 -9.96 -9.54
N LEU A 147 17.70 -9.30 -8.44
CA LEU A 147 18.68 -8.23 -8.46
C LEU A 147 19.96 -8.72 -7.80
N ASP A 148 20.98 -8.91 -8.61
CA ASP A 148 22.23 -9.45 -8.11
C ASP A 148 23.02 -8.30 -7.52
N LYS A 149 22.54 -7.80 -6.38
CA LYS A 149 22.99 -6.54 -5.79
C LYS A 149 22.32 -6.35 -4.44
N PRO A 150 23.04 -5.82 -3.45
CA PRO A 150 22.48 -5.77 -2.08
C PRO A 150 21.20 -4.95 -1.95
N PHE A 151 20.39 -5.32 -0.97
CA PHE A 151 19.15 -4.58 -0.69
C PHE A 151 19.42 -3.31 0.11
N SER A 152 18.66 -2.26 -0.21
CA SER A 152 18.66 -1.02 0.56
C SER A 152 17.35 -0.27 0.29
N ALA A 153 17.15 0.86 0.96
CA ALA A 153 15.96 1.70 0.70
C ALA A 153 15.85 2.04 -0.77
N ASP A 154 16.99 2.05 -1.47
CA ASP A 154 16.97 2.36 -2.89
C ASP A 154 16.44 1.21 -3.74
N GLN A 155 16.18 0.08 -3.10
CA GLN A 155 15.74 -1.11 -3.83
CA GLN A 155 15.74 -1.11 -3.83
C GLN A 155 14.26 -1.40 -3.60
N LEU A 156 13.53 -0.42 -3.11
CA LEU A 156 12.08 -0.52 -3.02
C LEU A 156 11.58 -0.21 -4.42
N LEU A 157 10.88 -1.15 -5.04
CA LEU A 157 10.63 -1.11 -6.48
C LEU A 157 9.43 -0.28 -6.92
N SER A 158 8.33 -0.40 -6.19
CA SER A 158 7.08 0.20 -6.59
C SER A 158 6.05 -0.17 -5.54
N ILE A 159 4.85 0.41 -5.66
CA ILE A 159 3.75 -0.02 -4.81
C ILE A 159 3.14 -1.30 -5.37
N GLY A 160 3.07 -2.33 -4.53
CA GLY A 160 2.51 -3.61 -4.95
C GLY A 160 1.06 -3.82 -4.55
N GLU A 161 0.64 -3.17 -3.47
CA GLU A 161 -0.75 -3.26 -2.99
C GLU A 161 -1.16 -1.97 -2.32
N ILE A 162 -2.42 -1.61 -2.49
CA ILE A 162 -3.06 -0.56 -1.70
C ILE A 162 -4.53 -0.96 -1.55
N ASN A 163 -5.08 -0.82 -0.34
CA ASN A 163 -6.50 -1.09 -0.14
C ASN A 163 -7.39 -0.05 -0.78
N ILE A 164 -8.43 -0.51 -1.45
CA ILE A 164 -9.50 0.37 -1.93
C ILE A 164 -10.74 -0.04 -1.14
N THR A 165 -10.89 0.56 0.03
CA THR A 165 -11.95 0.23 0.95
C THR A 165 -13.14 1.13 0.68
N THR A 166 -14.25 0.53 0.29
CA THR A 166 -15.35 1.27 -0.34
C THR A 166 -16.71 0.97 0.27
N SER A 167 -17.61 1.94 0.14
CA SER A 167 -18.99 1.80 0.60
C SER A 167 -19.86 1.05 -0.40
N ASP A 168 -19.33 0.85 -1.61
CA ASP A 168 -20.05 0.09 -2.64
C ASP A 168 -19.08 -0.62 -3.57
N VAL A 169 -18.82 -1.90 -3.25
CA VAL A 169 -17.86 -2.71 -3.99
C VAL A 169 -18.26 -2.95 -5.45
N GLU A 170 -19.53 -3.31 -5.67
CA GLU A 170 -20.02 -3.52 -7.03
C GLU A 170 -19.90 -2.26 -7.90
N GLN A 171 -20.33 -1.13 -7.37
CA GLN A 171 -20.18 0.15 -8.08
C GLN A 171 -18.71 0.47 -8.37
N ALA A 172 -17.87 0.18 -7.38
CA ALA A 172 -16.44 0.44 -7.51
C ALA A 172 -15.84 -0.45 -8.61
N ALA A 173 -16.20 -1.73 -8.61
CA ALA A 173 -15.66 -2.66 -9.61
C ALA A 173 -16.09 -2.27 -11.03
N THR A 174 -17.33 -1.82 -11.16
CA THR A 174 -17.86 -1.40 -12.45
C THR A 174 -17.10 -0.20 -12.98
N ARG A 175 -16.89 0.80 -12.14
CA ARG A 175 -16.15 2.00 -12.55
C ARG A 175 -14.71 1.66 -12.91
N LEU A 176 -14.10 0.73 -12.18
CA LEU A 176 -12.72 0.36 -12.45
C LEU A 176 -12.60 -0.34 -13.79
N LYS A 177 -13.61 -1.15 -14.13
CA LYS A 177 -13.62 -1.84 -15.41
C LYS A 177 -13.88 -0.84 -16.54
N GLN A 178 -14.81 0.10 -16.31
CA GLN A 178 -15.04 1.18 -17.27
C GLN A 178 -13.78 2.02 -17.46
N ALA A 179 -12.95 2.08 -16.44
CA ALA A 179 -11.68 2.77 -16.53
C ALA A 179 -10.71 1.89 -17.29
N GLU A 180 -11.17 0.69 -17.63
CA GLU A 180 -10.39 -0.29 -18.40
C GLU A 180 -9.29 -0.95 -17.57
N LEU A 181 -9.61 -1.28 -16.33
CA LEU A 181 -8.71 -2.04 -15.48
C LEU A 181 -9.18 -3.49 -15.44
N PRO A 182 -8.26 -4.43 -15.18
CA PRO A 182 -8.59 -5.86 -15.20
C PRO A 182 -9.57 -6.25 -14.10
N VAL A 183 -10.87 -6.24 -14.43
CA VAL A 183 -11.90 -6.65 -13.48
C VAL A 183 -12.74 -7.77 -14.06
N LYS A 184 -12.81 -8.89 -13.32
CA LYS A 184 -13.73 -9.97 -13.67
C LYS A 184 -15.02 -9.81 -12.88
N LEU A 185 -15.92 -8.96 -13.40
CA LEU A 185 -17.13 -8.57 -12.68
C LEU A 185 -17.89 -9.73 -12.04
N ASP A 186 -18.01 -10.85 -12.75
CA ASP A 186 -18.78 -12.00 -12.26
C ASP A 186 -18.17 -12.62 -11.01
N GLN A 187 -16.89 -12.35 -10.78
CA GLN A 187 -16.18 -12.92 -9.64
C GLN A 187 -16.18 -12.01 -8.41
N ILE A 188 -16.60 -10.76 -8.59
CA ILE A 188 -16.55 -9.78 -7.50
C ILE A 188 -17.43 -10.19 -6.32
N GLU A 189 -16.82 -10.28 -5.14
CA GLU A 189 -17.55 -10.55 -3.91
C GLU A 189 -17.74 -9.26 -3.10
N PRO A 190 -18.96 -8.72 -3.10
CA PRO A 190 -19.24 -7.45 -2.40
C PRO A 190 -18.86 -7.49 -0.93
N ALA A 191 -18.89 -8.68 -0.31
CA ALA A 191 -18.66 -8.77 1.13
C ALA A 191 -17.24 -9.12 1.51
N GLY A 192 -16.37 -9.30 0.51
CA GLY A 192 -14.99 -9.69 0.80
C GLY A 192 -13.97 -8.90 0.03
N LEU A 193 -12.70 -9.25 0.23
CA LEU A 193 -11.60 -8.60 -0.49
C LEU A 193 -11.52 -9.13 -1.92
N ASN A 194 -11.31 -8.22 -2.86
CA ASN A 194 -11.22 -8.56 -4.27
C ASN A 194 -9.93 -8.03 -4.86
N PHE A 195 -9.09 -8.92 -5.36
CA PHE A 195 -7.79 -8.51 -5.93
C PHE A 195 -7.97 -7.98 -7.35
N ILE A 196 -7.63 -6.71 -7.55
CA ILE A 196 -7.77 -6.15 -8.87
C ILE A 196 -6.43 -5.79 -9.46
N GLY A 197 -6.05 -6.49 -10.51
CA GLY A 197 -4.82 -6.20 -11.20
C GLY A 197 -4.19 -7.47 -11.72
N ASP A 198 -2.93 -7.36 -12.11
CA ASP A 198 -2.15 -8.51 -12.52
C ASP A 198 -0.70 -8.15 -12.28
N GLN A 199 0.19 -8.99 -12.77
CA GLN A 199 1.62 -8.71 -12.65
C GLN A 199 2.02 -8.37 -11.21
N ASP A 200 2.45 -7.13 -10.97
CA ASP A 200 3.01 -6.78 -9.68
C ASP A 200 2.24 -5.72 -8.89
N LEU A 201 1.06 -5.32 -9.37
CA LEU A 201 0.22 -4.35 -8.63
C LEU A 201 -1.21 -4.82 -8.47
N PHE A 202 -1.65 -4.92 -7.22
CA PHE A 202 -3.03 -5.31 -6.96
C PHE A 202 -3.75 -4.33 -6.04
N LEU A 203 -4.86 -3.79 -6.53
CA LEU A 203 -5.74 -2.98 -5.70
C LEU A 203 -6.60 -3.93 -4.86
N LEU A 204 -6.65 -3.70 -3.55
CA LEU A 204 -7.39 -4.58 -2.66
C LEU A 204 -8.78 -3.99 -2.42
N LEU A 205 -9.73 -4.36 -3.28
CA LEU A 205 -11.08 -3.80 -3.25
C LEU A 205 -12.01 -4.59 -2.32
N GLY A 206 -12.49 -3.93 -1.28
CA GLY A 206 -13.35 -4.58 -0.31
C GLY A 206 -14.12 -3.57 0.50
N PRO A 207 -15.01 -4.06 1.36
CA PRO A 207 -15.81 -3.20 2.23
C PRO A 207 -15.07 -3.01 3.54
N PRO A 208 -15.46 -2.02 4.33
CA PRO A 208 -14.85 -1.95 5.66
C PRO A 208 -15.42 -3.03 6.58
N GLY A 209 -14.77 -3.25 7.71
CA GLY A 209 -15.31 -4.13 8.73
C GLY A 209 -14.31 -5.14 9.25
N ARG A 210 -13.58 -5.77 8.34
CA ARG A 210 -12.83 -6.96 8.70
C ARG A 210 -11.37 -6.66 9.05
N ARG A 211 -10.86 -7.37 10.05
CA ARG A 211 -9.47 -7.22 10.49
C ARG A 211 -8.45 -7.51 9.38
N TRP A 212 -7.48 -6.62 9.22
CA TRP A 212 -6.40 -6.83 8.26
C TRP A 212 -5.45 -7.87 8.81
N LEU A 213 -5.02 -8.80 7.96
CA LEU A 213 -3.95 -9.73 8.31
C LEU A 213 -2.74 -9.01 8.89
N PHE A 214 -2.16 -9.58 9.95
CA PHE A 214 -0.99 -9.02 10.63
C PHE A 214 -1.24 -7.77 11.47
N SER A 215 -2.51 -7.40 11.64
CA SER A 215 -2.85 -6.16 12.33
C SER A 215 -4.03 -6.34 13.29
N GLU A 216 -4.06 -5.53 14.34
CA GLU A 216 -5.24 -5.47 15.20
C GLU A 216 -6.33 -4.68 14.49
N ARG A 217 -5.93 -3.89 13.50
CA ARG A 217 -6.85 -2.94 12.89
C ARG A 217 -7.79 -3.53 11.85
N VAL A 218 -9.01 -3.00 11.82
CA VAL A 218 -10.02 -3.44 10.88
C VAL A 218 -10.16 -2.43 9.74
N ALA A 219 -10.52 -2.92 8.56
CA ALA A 219 -10.68 -2.08 7.39
C ALA A 219 -11.70 -0.98 7.66
N VAL A 220 -11.26 0.26 7.44
CA VAL A 220 -12.12 1.41 7.64
C VAL A 220 -11.95 2.34 6.44
N ILE A 221 -13.06 2.93 5.98
CA ILE A 221 -13.00 3.87 4.88
C ILE A 221 -12.31 5.17 5.27
N TYR A 222 -11.22 5.48 4.56
CA TYR A 222 -10.58 6.79 4.64
C TYR A 222 -10.32 7.25 3.21
N PRO A 223 -10.35 8.56 2.97
CA PRO A 223 -10.14 9.02 1.59
C PRO A 223 -8.72 8.83 1.07
N LEU A 224 -8.62 8.69 -0.25
CA LEU A 224 -7.32 8.69 -0.91
C LEU A 224 -7.55 9.07 -2.35
N GLN A 225 -6.48 9.28 -3.09
CA GLN A 225 -6.59 9.30 -4.53
C GLN A 225 -5.30 8.75 -5.10
N MET A 226 -5.34 8.32 -6.36
CA MET A 226 -4.13 7.84 -7.01
C MET A 226 -4.17 8.08 -8.50
N GLU A 227 -2.99 8.22 -9.09
CA GLU A 227 -2.82 8.28 -10.53
C GLU A 227 -1.97 7.09 -10.95
N LEU A 228 -2.44 6.35 -11.94
CA LEU A 228 -1.70 5.20 -12.44
C LEU A 228 -0.75 5.63 -13.55
N ASP A 229 0.16 4.74 -13.92
CA ASP A 229 1.14 5.05 -14.96
C ASP A 229 0.47 5.38 -16.29
N ASN A 230 -0.72 4.81 -16.51
CA ASN A 230 -1.46 4.99 -17.75
C ASN A 230 -2.28 6.28 -17.80
N GLY A 231 -2.14 7.11 -16.79
CA GLY A 231 -2.86 8.37 -16.75
C GLY A 231 -4.24 8.30 -16.12
N VAL A 232 -4.69 7.09 -15.77
CA VAL A 232 -5.95 6.93 -15.06
C VAL A 232 -5.80 7.39 -13.61
N SER A 233 -6.73 8.21 -13.15
CA SER A 233 -6.73 8.66 -11.75
C SER A 233 -8.10 8.46 -11.10
N LEU A 234 -8.09 8.07 -9.85
CA LEU A 234 -9.32 7.73 -9.15
C LEU A 234 -9.26 8.18 -7.70
N ALA A 235 -10.41 8.39 -7.09
CA ALA A 235 -10.46 8.82 -5.71
C ALA A 235 -11.41 7.97 -4.91
N ILE A 236 -11.10 7.79 -3.64
CA ILE A 236 -12.05 7.25 -2.69
C ILE A 236 -12.47 8.42 -1.79
N THR A 237 -13.75 8.77 -1.80
CA THR A 237 -14.18 9.90 -0.98
C THR A 237 -14.22 9.46 0.48
N GLU A 238 -14.43 10.41 1.38
CA GLU A 238 -14.43 10.11 2.80
C GLU A 238 -15.65 9.27 3.19
N THR A 239 -16.61 9.14 2.28
CA THR A 239 -17.75 8.25 2.51
C THR A 239 -17.57 6.89 1.82
N GLY A 240 -16.48 6.71 1.10
CA GLY A 240 -16.13 5.43 0.51
C GLY A 240 -16.50 5.24 -0.94
N GLU A 241 -16.98 6.31 -1.58
CA GLU A 241 -17.32 6.21 -3.00
C GLU A 241 -16.06 6.23 -3.85
N LEU A 242 -15.92 5.24 -4.72
CA LEU A 242 -14.85 5.25 -5.71
C LEU A 242 -15.29 6.10 -6.89
N VAL A 243 -14.47 7.09 -7.22
CA VAL A 243 -14.80 8.06 -8.25
C VAL A 243 -13.63 8.18 -9.20
N ILE A 244 -13.87 7.94 -10.49
CA ILE A 244 -12.80 7.97 -11.49
C ILE A 244 -12.54 9.37 -11.99
N LEU A 245 -11.42 9.95 -11.55
CA LEU A 245 -11.09 11.34 -11.86
C LEU A 245 -10.66 11.50 -13.32
#